data_8RT0
#
_entry.id   8RT0
#
_cell.length_a   76.870
_cell.length_b   76.870
_cell.length_c   163.110
_cell.angle_alpha   90.00
_cell.angle_beta   90.00
_cell.angle_gamma   120.00
#
_symmetry.space_group_name_H-M   'H 3'
#
loop_
_entity.id
_entity.type
_entity.pdbx_description
1 polymer 'Outer capsid protein VP5'
2 non-polymer 1,2-ETHANEDIOL
3 water water
#
_entity_poly.entity_id   1
_entity_poly.type   'polypeptide(L)'
_entity_poly.pdbx_seq_one_letter_code
;HHHHHHGSATIDGIIQGSVHSALTGESYGESVKQAVILNVVGGGDSIADPLSPGENDMVHRLKRLEDEQKGEIIRTKHNA
QVIAKFGRDLEDVYKFASREHKVGEEEEDQIQMLEKALRAYGNVVKVEGESVQKLAKALRAEEEERTDEETRMIGEYRDK
IDALSKAIEIEREGLQDEAIQEIAGMSAEVLEAAAEEVPIFGAGVATSIATARAIEGAYKLKAVITALTGIDLSHMTTPK
IQPKTLEAILDAPGGNVTDLMLTRGLDSKIDKINENLAEVEHMQTSILPRIKKAIEEDRDEITNWSPKRIHPKSVQRFRV
PRMQTPSIHIYAAPWDSDSVFIFHVISPHHLNESFFLGFDLEIEYVHYEDLAQHWHSLGAAQEVTGRTFREAYREFFNLA
SRSTMASDIHKKRLQRSRMSHPIYLGVHNYELSYIAIKSNAMQLVTDEDLQKHVLRGPLHFQRRVIMAALKYGVKVMSRA
DDIAMMLRDA
;
_entity_poly.pdbx_strand_id   A
#
loop_
_chem_comp.id
_chem_comp.type
_chem_comp.name
_chem_comp.formula
EDO non-polymer 1,2-ETHANEDIOL 'C2 H6 O2'
#
# COMPACT_ATOMS: atom_id res chain seq x y z
N TYR A 28 -17.01 -14.89 18.30
CA TYR A 28 -16.33 -15.86 17.39
C TYR A 28 -16.01 -15.21 16.06
N GLY A 29 -17.00 -14.52 15.46
CA GLY A 29 -16.88 -13.87 14.16
C GLY A 29 -15.64 -12.98 14.08
N GLU A 30 -15.38 -12.29 15.21
CA GLU A 30 -14.23 -11.45 15.50
C GLU A 30 -12.92 -12.22 15.30
N SER A 31 -12.90 -13.48 15.75
CA SER A 31 -11.73 -14.35 15.69
C SER A 31 -11.23 -14.46 14.26
N VAL A 32 -12.12 -14.79 13.32
CA VAL A 32 -11.72 -15.12 11.95
C VAL A 32 -11.32 -13.82 11.23
N LYS A 33 -11.99 -12.72 11.61
CA LYS A 33 -11.73 -11.39 11.09
C LYS A 33 -10.27 -11.03 11.38
N GLN A 34 -9.93 -11.07 12.69
CA GLN A 34 -8.57 -10.85 13.16
C GLN A 34 -7.60 -11.76 12.41
N ALA A 35 -8.03 -13.00 12.09
CA ALA A 35 -7.13 -14.00 11.53
C ALA A 35 -6.78 -13.67 10.08
N VAL A 36 -7.79 -13.22 9.32
CA VAL A 36 -7.61 -12.94 7.89
C VAL A 36 -6.81 -11.63 7.74
N ILE A 37 -7.20 -10.61 8.52
CA ILE A 37 -6.49 -9.33 8.58
C ILE A 37 -5.01 -9.62 8.81
N LEU A 38 -4.74 -10.49 9.81
CA LEU A 38 -3.40 -10.75 10.28
C LEU A 38 -2.63 -11.46 9.18
N ASN A 39 -3.34 -12.31 8.43
CA ASN A 39 -2.73 -13.10 7.37
C ASN A 39 -2.25 -12.23 6.21
N VAL A 40 -3.01 -11.18 5.88
CA VAL A 40 -2.62 -10.22 4.85
C VAL A 40 -1.32 -9.50 5.23
N VAL A 41 -1.32 -8.85 6.40
CA VAL A 41 -0.21 -8.00 6.83
C VAL A 41 0.95 -8.80 7.39
N GLY A 42 0.82 -10.13 7.43
CA GLY A 42 1.94 -11.01 7.76
C GLY A 42 2.66 -11.29 6.45
N GLY A 43 2.61 -12.56 6.03
CA GLY A 43 3.04 -12.97 4.70
C GLY A 43 1.97 -12.65 3.67
N GLY A 44 2.28 -12.98 2.41
CA GLY A 44 1.33 -12.98 1.31
C GLY A 44 1.00 -11.58 0.79
N ASP A 45 1.61 -10.55 1.38
CA ASP A 45 1.48 -9.16 0.97
C ASP A 45 2.66 -8.35 1.49
N SER A 46 3.45 -7.77 0.57
CA SER A 46 4.54 -6.89 0.95
C SER A 46 4.00 -5.47 1.12
N ILE A 47 3.41 -5.19 2.28
CA ILE A 47 2.88 -3.87 2.57
C ILE A 47 3.85 -3.16 3.51
N ALA A 48 4.33 -1.99 3.10
CA ALA A 48 5.14 -1.17 3.97
C ALA A 48 4.26 -0.14 4.67
N ASP A 49 4.72 0.27 5.85
CA ASP A 49 4.17 1.41 6.56
C ASP A 49 4.21 2.64 5.66
N PRO A 50 3.04 3.24 5.33
CA PRO A 50 3.03 4.40 4.45
C PRO A 50 3.81 5.61 4.94
N LEU A 51 4.03 5.69 6.27
CA LEU A 51 4.76 6.80 6.87
C LEU A 51 6.24 6.53 6.99
N SER A 52 6.72 5.41 6.42
CA SER A 52 8.11 5.06 6.55
C SER A 52 8.72 4.81 5.17
N PRO A 53 9.31 5.83 4.53
CA PRO A 53 10.03 5.62 3.29
C PRO A 53 11.17 4.62 3.44
N GLY A 54 11.75 4.52 4.65
CA GLY A 54 12.80 3.56 4.94
C GLY A 54 12.35 2.10 4.87
N GLU A 55 11.21 1.80 5.47
CA GLU A 55 10.62 0.47 5.39
C GLU A 55 10.20 0.13 3.95
N ASN A 56 9.70 1.14 3.23
CA ASN A 56 9.38 0.99 1.81
C ASN A 56 10.61 0.59 1.00
N ASP A 57 11.76 1.26 1.25
CA ASP A 57 13.00 0.91 0.58
C ASP A 57 13.37 -0.55 0.91
N MET A 58 13.29 -0.91 2.21
CA MET A 58 13.70 -2.22 2.72
C MET A 58 12.87 -3.32 2.06
N VAL A 59 11.54 -3.09 1.97
CA VAL A 59 10.65 -4.07 1.36
C VAL A 59 11.01 -4.25 -0.13
N HIS A 60 11.29 -3.14 -0.84
CA HIS A 60 11.77 -3.19 -2.21
C HIS A 60 13.08 -4.00 -2.34
N ARG A 61 13.98 -3.86 -1.35
CA ARG A 61 15.29 -4.50 -1.40
C ARG A 61 15.16 -6.00 -1.18
N LEU A 62 14.30 -6.40 -0.25
CA LEU A 62 14.03 -7.80 0.00
C LEU A 62 13.43 -8.45 -1.26
N LYS A 63 12.55 -7.73 -1.94
CA LYS A 63 11.94 -8.23 -3.15
C LYS A 63 13.01 -8.47 -4.24
N ARG A 64 13.87 -7.47 -4.48
CA ARG A 64 14.94 -7.61 -5.48
C ARG A 64 15.82 -8.81 -5.15
N LEU A 65 16.20 -8.98 -3.87
CA LEU A 65 17.04 -10.09 -3.42
C LEU A 65 16.36 -11.43 -3.70
N GLU A 66 15.07 -11.55 -3.35
CA GLU A 66 14.29 -12.75 -3.63
C GLU A 66 14.31 -13.08 -5.13
N ASP A 67 14.09 -12.04 -5.96
CA ASP A 67 14.00 -12.19 -7.41
C ASP A 67 15.33 -12.65 -8.01
N GLU A 68 16.43 -12.06 -7.54
CA GLU A 68 17.76 -12.41 -8.00
C GLU A 68 18.13 -13.83 -7.57
N GLN A 69 17.71 -14.23 -6.37
CA GLN A 69 18.05 -15.53 -5.83
C GLN A 69 17.39 -16.64 -6.63
N LYS A 70 16.12 -16.45 -7.00
CA LYS A 70 15.42 -17.36 -7.89
C LYS A 70 16.20 -17.50 -9.21
N GLY A 71 16.71 -16.39 -9.77
CA GLY A 71 17.41 -16.39 -11.05
C GLY A 71 18.74 -17.15 -10.94
N GLU A 72 19.37 -17.02 -9.78
CA GLU A 72 20.67 -17.65 -9.55
C GLU A 72 20.51 -19.16 -9.42
N ILE A 73 19.44 -19.60 -8.74
CA ILE A 73 19.06 -20.99 -8.65
C ILE A 73 18.88 -21.57 -10.05
N ILE A 74 18.21 -20.82 -10.94
CA ILE A 74 18.03 -21.26 -12.32
C ILE A 74 19.38 -21.38 -13.02
N ARG A 75 20.30 -20.43 -12.81
CA ARG A 75 21.56 -20.46 -13.56
C ARG A 75 22.44 -21.65 -13.16
N THR A 76 22.50 -21.88 -11.85
CA THR A 76 23.23 -22.96 -11.19
C THR A 76 22.79 -24.32 -11.71
N LYS A 77 21.47 -24.52 -11.80
CA LYS A 77 20.91 -25.77 -12.31
C LYS A 77 21.18 -25.91 -13.80
N HIS A 78 21.09 -24.81 -14.56
CA HIS A 78 21.50 -24.82 -15.97
C HIS A 78 22.94 -25.35 -16.06
N ASN A 79 23.85 -24.80 -15.22
CA ASN A 79 25.26 -25.16 -15.26
C ASN A 79 25.45 -26.63 -14.89
N ALA A 80 24.72 -27.11 -13.89
CA ALA A 80 24.76 -28.52 -13.49
C ALA A 80 24.38 -29.43 -14.68
N GLN A 81 23.37 -29.03 -15.46
CA GLN A 81 22.85 -29.84 -16.56
C GLN A 81 23.85 -29.88 -17.72
N VAL A 82 24.45 -28.72 -18.03
CA VAL A 82 25.45 -28.59 -19.10
C VAL A 82 26.67 -29.45 -18.74
N ILE A 83 27.12 -29.37 -17.47
CA ILE A 83 28.21 -30.15 -16.89
C ILE A 83 27.96 -31.64 -17.05
N ALA A 84 26.77 -32.11 -16.63
CA ALA A 84 26.41 -33.53 -16.73
C ALA A 84 26.41 -34.00 -18.18
N LYS A 85 25.85 -33.18 -19.07
CA LYS A 85 25.85 -33.51 -20.49
C LYS A 85 27.29 -33.66 -21.04
N PHE A 86 28.19 -32.74 -20.65
CA PHE A 86 29.61 -32.83 -21.02
C PHE A 86 30.30 -34.06 -20.43
N GLY A 87 29.97 -34.46 -19.20
CA GLY A 87 30.45 -35.73 -18.63
C GLY A 87 30.12 -36.92 -19.54
N ARG A 88 28.88 -36.96 -20.05
CA ARG A 88 28.40 -38.04 -20.89
C ARG A 88 29.20 -38.03 -22.19
N ASP A 89 29.24 -36.86 -22.85
CA ASP A 89 29.98 -36.67 -24.09
C ASP A 89 31.43 -37.12 -23.94
N LEU A 90 32.04 -36.76 -22.80
CA LEU A 90 33.41 -37.12 -22.49
C LEU A 90 33.60 -38.64 -22.49
N GLU A 91 32.61 -39.35 -21.92
CA GLU A 91 32.57 -40.81 -21.86
C GLU A 91 32.60 -41.41 -23.27
N ASP A 92 31.76 -40.87 -24.17
CA ASP A 92 31.64 -41.33 -25.55
C ASP A 92 32.94 -41.12 -26.30
N VAL A 93 33.55 -39.94 -26.15
CA VAL A 93 34.83 -39.59 -26.75
C VAL A 93 35.94 -40.53 -26.24
N TYR A 94 35.86 -40.92 -24.96
CA TYR A 94 36.80 -41.84 -24.37
C TYR A 94 36.65 -43.20 -25.04
N LYS A 95 35.40 -43.69 -25.09
CA LYS A 95 35.06 -44.99 -25.66
C LYS A 95 35.41 -45.07 -27.14
N PHE A 96 35.05 -44.04 -27.92
CA PHE A 96 35.37 -43.95 -29.34
C PHE A 96 36.88 -44.06 -29.55
N ALA A 97 37.65 -43.30 -28.75
CA ALA A 97 39.10 -43.28 -28.88
C ALA A 97 39.69 -44.63 -28.48
N SER A 98 39.02 -45.32 -27.55
CA SER A 98 39.47 -46.58 -26.97
C SER A 98 39.39 -47.73 -27.98
N ARG A 99 38.28 -47.80 -28.73
CA ARG A 99 38.10 -48.76 -29.81
C ARG A 99 39.23 -48.61 -30.83
N GLU A 100 39.42 -47.37 -31.34
CA GLU A 100 40.44 -47.01 -32.30
C GLU A 100 41.86 -47.08 -31.71
N HIS A 101 41.96 -47.30 -30.39
CA HIS A 101 43.20 -47.70 -29.73
C HIS A 101 43.61 -49.11 -30.17
N LYS A 102 42.60 -49.95 -30.44
CA LYS A 102 42.65 -51.31 -30.99
C LYS A 102 41.90 -52.27 -30.05
N GLN A 324 -0.70 1.35 -16.55
CA GLN A 324 -0.13 1.88 -15.29
C GLN A 324 -1.12 1.66 -14.15
N THR A 325 -0.75 2.14 -12.96
CA THR A 325 -1.47 1.85 -11.74
C THR A 325 -1.85 3.16 -11.05
N PRO A 326 -2.93 3.22 -10.24
CA PRO A 326 -3.18 4.40 -9.41
C PRO A 326 -2.04 4.64 -8.42
N SER A 327 -1.61 5.90 -8.35
CA SER A 327 -0.54 6.35 -7.46
C SER A 327 -1.14 6.86 -6.16
N ILE A 328 -0.68 6.32 -5.03
CA ILE A 328 -1.12 6.80 -3.72
C ILE A 328 0.01 7.66 -3.15
N HIS A 329 -0.17 8.99 -3.21
CA HIS A 329 0.74 9.96 -2.63
C HIS A 329 0.40 10.19 -1.16
N ILE A 330 1.46 10.15 -0.34
CA ILE A 330 1.33 10.13 1.10
C ILE A 330 1.88 11.42 1.70
N TYR A 331 1.08 12.03 2.56
CA TYR A 331 1.48 13.23 3.26
C TYR A 331 1.12 13.08 4.73
N ALA A 332 2.08 13.39 5.62
CA ALA A 332 1.78 13.52 7.05
C ALA A 332 1.45 14.98 7.39
N ALA A 333 0.50 15.17 8.31
CA ALA A 333 0.21 16.48 8.89
C ALA A 333 1.46 16.99 9.61
N PRO A 334 1.75 18.31 9.63
CA PRO A 334 2.95 18.84 10.30
C PRO A 334 2.95 18.67 11.81
N TRP A 335 1.77 18.54 12.42
CA TRP A 335 1.63 18.14 13.81
C TRP A 335 1.01 16.74 13.97
N ASP A 336 1.42 16.05 15.03
CA ASP A 336 0.94 14.70 15.34
C ASP A 336 1.14 13.82 14.09
N SER A 337 2.29 14.00 13.44
CA SER A 337 2.62 13.43 12.14
C SER A 337 2.40 11.92 12.07
N ASP A 338 2.57 11.22 13.20
CA ASP A 338 2.47 9.77 13.29
C ASP A 338 1.00 9.34 13.20
N SER A 339 0.07 10.25 13.52
CA SER A 339 -1.34 9.86 13.65
C SER A 339 -2.21 10.54 12.60
N VAL A 340 -1.72 11.65 12.05
CA VAL A 340 -2.55 12.48 11.19
C VAL A 340 -1.87 12.51 9.83
N PHE A 341 -2.51 11.90 8.83
CA PHE A 341 -1.93 11.83 7.50
C PHE A 341 -3.03 11.66 6.46
N ILE A 342 -2.63 11.83 5.20
CA ILE A 342 -3.52 12.05 4.07
C ILE A 342 -2.97 11.30 2.87
N PHE A 343 -3.89 10.66 2.14
CA PHE A 343 -3.56 10.07 0.84
C PHE A 343 -4.16 10.87 -0.30
N HIS A 344 -3.35 11.08 -1.33
CA HIS A 344 -3.87 11.63 -2.56
C HIS A 344 -3.75 10.55 -3.63
N VAL A 345 -4.89 10.02 -4.08
CA VAL A 345 -4.91 8.87 -4.97
C VAL A 345 -5.24 9.35 -6.38
N ILE A 346 -4.34 9.09 -7.32
CA ILE A 346 -4.40 9.67 -8.64
C ILE A 346 -4.60 8.56 -9.67
N SER A 347 -5.62 8.74 -10.54
CA SER A 347 -5.88 7.88 -11.69
C SER A 347 -4.76 8.00 -12.73
N PRO A 348 -4.22 6.86 -13.23
CA PRO A 348 -3.15 6.90 -14.22
C PRO A 348 -3.48 7.49 -15.62
N HIS A 349 -4.77 7.60 -15.98
CA HIS A 349 -5.06 8.04 -17.35
C HIS A 349 -6.20 9.06 -17.44
N HIS A 350 -6.32 9.93 -16.43
CA HIS A 350 -7.26 11.05 -16.49
C HIS A 350 -6.59 12.23 -15.82
N LEU A 351 -6.56 13.36 -16.52
CA LEU A 351 -5.86 14.56 -16.09
C LEU A 351 -6.30 15.03 -14.72
N ASN A 352 -7.60 14.87 -14.41
CA ASN A 352 -8.15 15.44 -13.21
C ASN A 352 -9.04 14.42 -12.50
N GLU A 353 -8.55 13.19 -12.40
CA GLU A 353 -9.29 12.17 -11.68
C GLU A 353 -8.44 11.72 -10.49
N SER A 354 -8.88 12.11 -9.31
CA SER A 354 -8.18 11.76 -8.08
C SER A 354 -9.12 11.88 -6.90
N PHE A 355 -8.72 11.34 -5.75
CA PHE A 355 -9.51 11.48 -4.53
C PHE A 355 -8.57 11.61 -3.34
N PHE A 356 -9.15 12.07 -2.25
CA PHE A 356 -8.49 12.36 -1.00
C PHE A 356 -8.99 11.37 0.05
N LEU A 357 -8.08 10.94 0.90
CA LEU A 357 -8.41 10.08 2.02
C LEU A 357 -7.55 10.58 3.16
N GLY A 358 -8.23 11.11 4.18
CA GLY A 358 -7.58 11.73 5.33
C GLY A 358 -7.86 10.89 6.58
N PHE A 359 -6.85 10.77 7.47
CA PHE A 359 -6.94 9.91 8.65
C PHE A 359 -6.43 10.65 9.87
N ASP A 360 -7.18 10.51 10.97
CA ASP A 360 -6.73 10.91 12.29
C ASP A 360 -6.95 9.73 13.24
N LEU A 361 -5.86 9.04 13.53
CA LEU A 361 -5.90 7.79 14.28
C LEU A 361 -6.01 8.05 15.77
N GLU A 362 -5.66 9.27 16.22
CA GLU A 362 -5.89 9.75 17.58
C GLU A 362 -7.37 9.63 17.96
N ILE A 363 -8.29 9.95 17.02
CA ILE A 363 -9.73 9.90 17.25
C ILE A 363 -10.37 8.82 16.39
N GLU A 364 -9.54 8.12 15.59
CA GLU A 364 -9.94 7.04 14.70
C GLU A 364 -11.01 7.52 13.70
N TYR A 365 -10.70 8.62 13.02
CA TYR A 365 -11.57 9.23 12.03
C TYR A 365 -10.96 9.08 10.63
N VAL A 366 -11.80 8.75 9.64
CA VAL A 366 -11.40 8.71 8.25
C VAL A 366 -12.40 9.54 7.43
N HIS A 367 -11.86 10.42 6.57
CA HIS A 367 -12.65 11.23 5.66
C HIS A 367 -12.20 11.02 4.21
N TYR A 368 -13.17 10.75 3.35
CA TYR A 368 -12.99 10.54 1.91
C TYR A 368 -13.59 11.74 1.18
N GLU A 369 -12.91 12.22 0.14
CA GLU A 369 -13.58 13.12 -0.78
C GLU A 369 -13.10 12.88 -2.21
N ASP A 370 -14.05 12.87 -3.18
CA ASP A 370 -13.78 12.88 -4.61
C ASP A 370 -13.30 14.28 -5.00
N LEU A 371 -12.19 14.34 -5.74
CA LEU A 371 -11.65 15.61 -6.18
C LEU A 371 -11.81 15.72 -7.71
N ALA A 372 -12.55 14.78 -8.34
CA ALA A 372 -12.65 14.79 -9.80
C ALA A 372 -13.43 16.02 -10.29
N GLN A 373 -13.08 16.44 -11.51
CA GLN A 373 -13.71 17.53 -12.24
C GLN A 373 -14.43 16.93 -13.44
N HIS A 374 -15.73 17.22 -13.55
CA HIS A 374 -16.54 16.71 -14.65
C HIS A 374 -17.46 17.80 -15.17
N TRP A 375 -17.36 18.06 -16.48
CA TRP A 375 -18.21 19.05 -17.12
C TRP A 375 -19.42 18.35 -17.75
N HIS A 376 -20.60 18.99 -17.62
CA HIS A 376 -21.81 18.39 -18.13
C HIS A 376 -22.63 19.46 -18.85
N SER A 377 -22.93 19.14 -20.11
CA SER A 377 -23.87 19.86 -20.94
C SER A 377 -24.27 18.90 -22.06
N LEU A 378 -25.52 18.43 -21.97
CA LEU A 378 -26.08 17.41 -22.85
C LEU A 378 -25.67 17.69 -24.30
N GLY A 379 -25.13 16.65 -24.96
CA GLY A 379 -24.48 16.80 -26.26
C GLY A 379 -24.66 15.59 -27.16
N GLY A 386 -16.23 19.52 -6.40
CA GLY A 386 -14.98 19.69 -7.19
C GLY A 386 -13.92 20.46 -6.42
N ARG A 387 -13.88 20.25 -5.10
CA ARG A 387 -12.87 20.78 -4.20
C ARG A 387 -11.46 20.52 -4.75
N THR A 388 -10.58 21.52 -4.60
CA THR A 388 -9.17 21.29 -4.86
C THR A 388 -8.54 20.46 -3.73
N PHE A 389 -7.36 19.88 -4.00
CA PHE A 389 -6.61 19.15 -2.99
C PHE A 389 -6.44 19.98 -1.70
N ARG A 390 -6.06 21.25 -1.86
CA ARG A 390 -5.83 22.14 -0.73
C ARG A 390 -7.11 22.31 0.07
N GLU A 391 -8.22 22.52 -0.64
CA GLU A 391 -9.51 22.75 -0.04
C GLU A 391 -9.92 21.51 0.76
N ALA A 392 -9.71 20.33 0.17
CA ALA A 392 -10.00 19.07 0.83
C ALA A 392 -9.15 18.89 2.10
N TYR A 393 -7.86 19.25 2.03
CA TYR A 393 -6.92 19.26 3.14
C TYR A 393 -7.44 20.15 4.28
N ARG A 394 -7.77 21.40 3.95
CA ARG A 394 -8.23 22.38 4.94
C ARG A 394 -9.52 21.90 5.58
N GLU A 395 -10.45 21.43 4.73
CA GLU A 395 -11.74 20.91 5.17
C GLU A 395 -11.54 19.78 6.19
N PHE A 396 -10.55 18.91 5.92
CA PHE A 396 -10.36 17.71 6.69
C PHE A 396 -10.04 18.01 8.16
N PHE A 397 -9.15 19.00 8.37
CA PHE A 397 -8.79 19.47 9.69
C PHE A 397 -9.96 20.10 10.46
N ASN A 398 -10.83 20.83 9.75
CA ASN A 398 -12.07 21.35 10.31
C ASN A 398 -12.97 20.22 10.82
N LEU A 399 -13.20 19.20 9.97
CA LEU A 399 -14.09 18.10 10.35
C LEU A 399 -13.51 17.33 11.54
N ALA A 400 -12.18 17.12 11.52
CA ALA A 400 -11.54 16.35 12.57
C ALA A 400 -11.59 17.14 13.88
N SER A 401 -11.30 18.44 13.85
CA SER A 401 -11.35 19.28 15.03
C SER A 401 -12.77 19.40 15.58
N ARG A 402 -13.75 18.91 14.81
CA ARG A 402 -15.14 18.93 15.21
C ARG A 402 -15.43 17.82 16.22
N SER A 403 -14.79 16.65 16.06
CA SER A 403 -15.03 15.50 16.93
C SER A 403 -15.08 15.93 18.39
N THR A 404 -16.16 15.51 19.06
CA THR A 404 -16.30 15.70 20.49
C THR A 404 -15.25 14.88 21.25
N MET A 405 -14.83 13.76 20.63
CA MET A 405 -13.85 12.83 21.14
C MET A 405 -12.44 13.45 21.13
N ALA A 406 -12.27 14.56 20.40
CA ALA A 406 -10.98 15.18 20.24
C ALA A 406 -10.63 15.97 21.49
N SER A 407 -9.45 15.62 22.03
CA SER A 407 -8.76 16.35 23.09
C SER A 407 -8.60 17.82 22.67
N ASP A 408 -8.72 18.70 23.67
CA ASP A 408 -8.60 20.13 23.51
C ASP A 408 -7.28 20.47 22.81
N ILE A 409 -6.21 19.80 23.24
CA ILE A 409 -4.86 20.02 22.72
C ILE A 409 -4.78 19.47 21.30
N HIS A 410 -5.42 18.32 21.08
CA HIS A 410 -5.53 17.70 19.77
C HIS A 410 -6.09 18.69 18.75
N LYS A 411 -7.23 19.33 19.12
CA LYS A 411 -7.98 20.25 18.27
C LYS A 411 -7.08 21.42 17.84
N LYS A 412 -6.21 21.83 18.76
CA LYS A 412 -5.33 22.98 18.57
C LYS A 412 -4.28 22.66 17.52
N ARG A 413 -3.79 21.42 17.51
CA ARG A 413 -2.74 21.03 16.58
C ARG A 413 -3.35 20.76 15.19
N LEU A 414 -4.59 20.26 15.18
CA LEU A 414 -5.36 20.07 13.97
C LEU A 414 -5.50 21.41 13.25
N GLN A 415 -5.84 22.45 14.03
CA GLN A 415 -6.06 23.80 13.51
C GLN A 415 -4.77 24.42 12.98
N ARG A 416 -3.64 24.14 13.65
CA ARG A 416 -2.35 24.61 13.19
C ARG A 416 -1.91 23.86 11.93
N SER A 417 -2.20 22.56 11.84
CA SER A 417 -1.83 21.75 10.67
C SER A 417 -2.57 22.24 9.44
N ARG A 418 -3.84 22.60 9.68
CA ARG A 418 -4.75 23.13 8.68
C ARG A 418 -4.15 24.31 7.92
N MET A 419 -3.39 25.17 8.60
CA MET A 419 -2.82 26.35 7.98
C MET A 419 -1.33 26.18 7.66
N SER A 420 -0.84 24.94 7.73
CA SER A 420 0.56 24.70 7.42
C SER A 420 0.67 23.72 6.26
N HIS A 421 1.90 23.51 5.80
CA HIS A 421 2.21 22.67 4.67
C HIS A 421 2.45 21.23 5.15
N PRO A 422 1.79 20.21 4.55
CA PRO A 422 2.04 18.80 4.90
C PRO A 422 3.40 18.31 4.40
N ILE A 423 3.86 17.18 4.95
CA ILE A 423 5.14 16.59 4.65
C ILE A 423 4.92 15.42 3.69
N TYR A 424 5.46 15.51 2.47
CA TYR A 424 5.31 14.46 1.50
C TYR A 424 6.22 13.29 1.87
N LEU A 425 5.69 12.08 1.90
CA LEU A 425 6.50 10.91 2.20
C LEU A 425 6.61 9.94 1.03
N GLY A 426 6.11 10.35 -0.16
CA GLY A 426 6.27 9.49 -1.34
C GLY A 426 4.99 8.81 -1.81
N VAL A 427 5.18 7.76 -2.63
CA VAL A 427 4.15 7.10 -3.43
C VAL A 427 4.15 5.58 -3.21
N HIS A 428 2.96 4.99 -3.09
CA HIS A 428 2.69 3.55 -3.21
C HIS A 428 1.87 3.29 -4.48
N ASN A 429 2.17 2.15 -5.10
CA ASN A 429 1.54 1.66 -6.32
C ASN A 429 1.19 0.19 -6.14
N TYR A 430 -0.11 -0.09 -6.04
CA TYR A 430 -0.61 -1.45 -5.92
C TYR A 430 -1.31 -1.87 -7.21
N GLU A 431 -1.54 -3.19 -7.39
CA GLU A 431 -2.02 -3.71 -8.65
C GLU A 431 -3.54 -3.84 -8.59
N LEU A 432 -4.22 -2.72 -8.80
CA LEU A 432 -5.68 -2.67 -8.89
C LEU A 432 -6.05 -1.41 -9.66
N SER A 433 -7.32 -1.32 -10.06
CA SER A 433 -7.78 -0.21 -10.88
C SER A 433 -8.10 0.97 -9.97
N TYR A 434 -8.18 2.16 -10.59
CA TYR A 434 -8.65 3.36 -9.92
C TYR A 434 -10.02 3.11 -9.31
N ILE A 435 -10.92 2.52 -10.11
CA ILE A 435 -12.31 2.28 -9.73
C ILE A 435 -12.34 1.36 -8.51
N ALA A 436 -11.47 0.33 -8.51
CA ALA A 436 -11.46 -0.58 -7.38
C ALA A 436 -10.91 0.06 -6.09
N ILE A 437 -9.84 0.87 -6.20
CA ILE A 437 -9.25 1.43 -4.99
C ILE A 437 -10.20 2.46 -4.41
N LYS A 438 -10.95 3.11 -5.34
CA LYS A 438 -11.88 4.18 -5.05
C LYS A 438 -13.05 3.62 -4.26
N SER A 439 -13.56 2.48 -4.71
CA SER A 439 -14.59 1.70 -4.03
C SER A 439 -14.11 1.21 -2.65
N ASN A 440 -12.91 0.62 -2.61
CA ASN A 440 -12.26 0.27 -1.35
C ASN A 440 -12.21 1.47 -0.39
N ALA A 441 -11.82 2.65 -0.91
CA ALA A 441 -11.72 3.78 -0.01
C ALA A 441 -13.06 4.13 0.60
N MET A 442 -14.11 4.03 -0.23
CA MET A 442 -15.46 4.39 0.20
C MET A 442 -16.05 3.32 1.13
N GLN A 443 -15.79 2.05 0.82
CA GLN A 443 -16.13 0.95 1.73
C GLN A 443 -15.54 1.28 3.11
N LEU A 444 -14.26 1.71 3.15
CA LEU A 444 -13.58 2.02 4.40
C LEU A 444 -14.34 3.04 5.22
N VAL A 445 -14.93 4.05 4.57
CA VAL A 445 -15.60 5.16 5.26
C VAL A 445 -17.07 4.80 5.56
N THR A 446 -17.71 3.97 4.73
CA THR A 446 -19.18 3.84 4.83
C THR A 446 -19.58 2.66 5.72
N ASP A 447 -18.85 1.54 5.60
CA ASP A 447 -19.06 0.33 6.37
C ASP A 447 -18.39 0.45 7.75
N GLU A 448 -19.21 0.52 8.80
CA GLU A 448 -18.79 0.85 10.16
C GLU A 448 -17.99 -0.27 10.81
N ASP A 449 -18.32 -1.51 10.42
CA ASP A 449 -17.74 -2.74 10.94
C ASP A 449 -16.28 -2.86 10.47
N LEU A 450 -16.09 -2.90 9.15
CA LEU A 450 -14.78 -2.87 8.52
C LEU A 450 -13.90 -1.78 9.14
N GLN A 451 -14.45 -0.56 9.20
CA GLN A 451 -13.77 0.58 9.75
C GLN A 451 -13.28 0.30 11.17
N LYS A 452 -14.09 -0.37 12.00
CA LYS A 452 -13.71 -0.57 13.40
C LYS A 452 -12.61 -1.61 13.54
N HIS A 453 -12.54 -2.49 12.53
CA HIS A 453 -11.56 -3.56 12.44
C HIS A 453 -10.24 -3.07 11.87
N VAL A 454 -10.25 -1.97 11.13
CA VAL A 454 -9.08 -1.47 10.42
C VAL A 454 -8.42 -0.40 11.29
N LEU A 455 -9.24 0.44 11.92
CA LEU A 455 -8.74 1.60 12.65
C LEU A 455 -8.53 1.29 14.13
N ARG A 456 -7.56 0.42 14.43
CA ARG A 456 -7.24 0.06 15.82
C ARG A 456 -5.88 -0.64 15.86
N GLY A 457 -5.35 -0.81 17.08
CA GLY A 457 -4.12 -1.52 17.37
C GLY A 457 -2.87 -0.64 17.25
N PRO A 458 -1.64 -1.21 17.38
CA PRO A 458 -0.42 -0.38 17.43
C PRO A 458 -0.32 0.38 16.12
N LEU A 459 0.18 1.62 16.20
CA LEU A 459 0.14 2.58 15.09
C LEU A 459 0.75 2.00 13.81
N HIS A 460 1.93 1.36 13.94
CA HIS A 460 2.66 0.79 12.81
C HIS A 460 1.82 -0.24 12.09
N PHE A 461 1.21 -1.14 12.86
CA PHE A 461 0.36 -2.21 12.35
C PHE A 461 -0.89 -1.62 11.72
N GLN A 462 -1.51 -0.65 12.39
CA GLN A 462 -2.74 -0.08 11.88
C GLN A 462 -2.53 0.65 10.55
N ARG A 463 -1.42 1.36 10.37
CA ARG A 463 -1.12 2.01 9.10
C ARG A 463 -0.90 0.98 7.99
N ARG A 464 -0.35 -0.19 8.30
CA ARG A 464 -0.23 -1.24 7.29
C ARG A 464 -1.62 -1.82 6.98
N VAL A 465 -2.46 -1.94 8.01
CA VAL A 465 -3.78 -2.53 7.84
C VAL A 465 -4.62 -1.62 6.94
N ILE A 466 -4.45 -0.30 7.14
CA ILE A 466 -5.06 0.70 6.28
C ILE A 466 -4.72 0.43 4.81
N MET A 467 -3.44 0.24 4.50
CA MET A 467 -3.09 -0.09 3.14
C MET A 467 -3.74 -1.38 2.65
N ALA A 468 -3.81 -2.40 3.53
CA ALA A 468 -4.43 -3.68 3.19
C ALA A 468 -5.90 -3.44 2.81
N ALA A 469 -6.58 -2.62 3.61
CA ALA A 469 -7.97 -2.23 3.38
C ALA A 469 -8.13 -1.52 2.03
N LEU A 470 -7.12 -0.73 1.65
CA LEU A 470 -7.16 -0.05 0.36
C LEU A 470 -7.04 -1.04 -0.80
N LYS A 471 -6.32 -2.14 -0.57
CA LYS A 471 -6.10 -3.13 -1.62
C LYS A 471 -7.26 -4.12 -1.72
N TYR A 472 -8.04 -4.32 -0.65
CA TYR A 472 -8.98 -5.42 -0.64
C TYR A 472 -10.38 -5.04 -0.21
N GLY A 473 -10.55 -3.86 0.43
CA GLY A 473 -11.83 -3.48 1.01
C GLY A 473 -12.26 -4.51 2.04
N VAL A 474 -13.55 -4.89 2.02
CA VAL A 474 -14.12 -5.82 2.98
C VAL A 474 -13.40 -7.17 2.93
N LYS A 475 -12.86 -7.54 1.76
CA LYS A 475 -12.13 -8.77 1.59
C LYS A 475 -10.89 -8.83 2.51
N VAL A 476 -10.53 -7.68 3.11
CA VAL A 476 -9.48 -7.64 4.11
C VAL A 476 -9.84 -8.49 5.35
N MET A 477 -11.13 -8.89 5.45
CA MET A 477 -11.62 -9.76 6.51
C MET A 477 -12.32 -11.02 5.99
N SER A 478 -12.15 -11.37 4.70
CA SER A 478 -12.94 -12.37 3.99
C SER A 478 -12.87 -13.76 4.65
C1 EDO B . 4.56 -0.73 -0.49
O1 EDO B . 3.44 -1.10 0.33
C2 EDO B . 4.82 -1.51 -1.72
O2 EDO B . 5.17 -2.86 -1.49
#